data_5U3U
#
_entry.id   5U3U
#
_cell.length_a   39.600
_cell.length_b   94.550
_cell.length_c   96.570
_cell.angle_alpha   90.00
_cell.angle_beta   97.91
_cell.angle_gamma   90.00
#
_symmetry.space_group_name_H-M   'P 1 21 1'
#
loop_
_entity.id
_entity.type
_entity.pdbx_description
1 polymer 'Peroxisome proliferator-activated receptor delta'
2 non-polymer '6-[2-({cyclopentyl[4-(furan-2-yl)benzene-1-carbonyl]amino}methyl)phenoxy]hexanoic acid'
3 non-polymer S-1,2-PROPANEDIOL
4 non-polymer DI(HYDROXYETHYL)ETHER
5 non-polymer 'heptyl beta-D-glucopyranoside'
6 water water
#
_entity_poly.entity_id   1
_entity_poly.type   'polypeptide(L)'
_entity_poly.pdbx_seq_one_letter_code
;PQVADLKAFSKHIYNAYLKNFNMTKKKARSILTGKASHTAPFVIHDIETLWQAEKGLVWKQLVNGLPPYKEISVHVFYRC
QCTTVETVRELTEFAKSIPSFSSLFLNDQVTLLKYGVHEAIFAMLASIVNKDGLLVANGSGFVTREFLRSLRKPFSDIIE
PKFEFAVKFNALELDDSDLALFIAAIILCGDRPGLMNVPRVEAIQDTILRALEFHLQANHPDAQYLFPKLLQKMADLRQL
VTEHAQMMQRIKKTETETSLHPLLQEIYKDMY
;
_entity_poly.pdbx_strand_id   A,B
#
# COMPACT_ATOMS: atom_id res chain seq x y z
N VAL A 3 16.27 21.45 -15.64
CA VAL A 3 17.49 20.76 -16.08
C VAL A 3 18.45 20.57 -14.92
N ALA A 4 18.53 21.59 -14.06
CA ALA A 4 19.30 21.50 -12.83
C ALA A 4 18.56 20.64 -11.80
N ASP A 5 17.28 20.97 -11.62
CA ASP A 5 16.45 20.27 -10.64
C ASP A 5 16.26 18.81 -11.03
N LEU A 6 15.90 18.61 -12.29
CA LEU A 6 15.57 17.30 -12.82
C LEU A 6 16.77 16.36 -12.80
N LYS A 7 17.96 16.94 -12.73
CA LYS A 7 19.18 16.15 -12.62
C LYS A 7 19.28 15.55 -11.23
N ALA A 8 18.96 16.36 -10.23
CA ALA A 8 18.97 15.92 -8.83
C ALA A 8 17.91 14.85 -8.60
N PHE A 9 16.74 15.10 -9.18
CA PHE A 9 15.63 14.14 -9.16
C PHE A 9 16.06 12.77 -9.64
N SER A 10 16.75 12.75 -10.78
CA SER A 10 17.16 11.52 -11.42
C SER A 10 18.21 10.79 -10.59
N LYS A 11 19.06 11.54 -9.90
CA LYS A 11 20.08 10.94 -9.05
C LYS A 11 19.42 10.17 -7.91
N HIS A 12 18.36 10.75 -7.34
CA HIS A 12 17.64 10.10 -6.24
C HIS A 12 16.97 8.80 -6.72
N ILE A 13 16.37 8.85 -7.91
CA ILE A 13 15.67 7.69 -8.46
C ILE A 13 16.66 6.57 -8.80
N TYR A 14 17.86 6.94 -9.19
CA TYR A 14 18.95 6.00 -9.43
C TYR A 14 19.38 5.32 -8.13
N ASN A 15 19.45 6.08 -7.06
CA ASN A 15 19.86 5.52 -5.77
C ASN A 15 18.79 4.57 -5.23
N ALA A 16 17.53 4.91 -5.49
CA ALA A 16 16.41 4.03 -5.21
C ALA A 16 16.61 2.70 -5.92
N TYR A 17 17.19 2.79 -7.11
CA TYR A 17 17.40 1.64 -7.98
C TYR A 17 18.55 0.79 -7.47
N LEU A 18 19.69 1.42 -7.22
CA LEU A 18 20.88 0.72 -6.75
C LEU A 18 20.71 0.07 -5.39
N LYS A 19 19.81 0.63 -4.59
CA LYS A 19 19.58 0.14 -3.23
C LYS A 19 18.65 -1.08 -3.17
N ASN A 20 17.77 -1.21 -4.15
CA ASN A 20 16.66 -2.13 -4.08
C ASN A 20 16.72 -3.31 -5.06
N PHE A 21 17.40 -3.14 -6.18
CA PHE A 21 17.39 -4.20 -7.19
C PHE A 21 18.55 -5.17 -7.04
N ASN A 22 18.25 -6.46 -7.03
CA ASN A 22 19.23 -7.44 -6.65
C ASN A 22 20.32 -7.62 -7.70
N MET A 23 20.00 -7.35 -8.96
CA MET A 23 21.04 -7.33 -9.97
C MET A 23 20.90 -6.17 -10.96
N THR A 24 21.97 -5.40 -11.10
CA THR A 24 22.06 -4.34 -12.11
C THR A 24 22.20 -4.94 -13.50
N LYS A 25 21.89 -4.15 -14.52
CA LYS A 25 22.16 -4.55 -15.90
C LYS A 25 23.67 -4.60 -16.10
N LYS A 26 24.38 -3.68 -15.45
CA LYS A 26 25.83 -3.71 -15.48
C LYS A 26 26.38 -5.11 -15.10
N LYS A 27 25.95 -5.68 -13.98
CA LYS A 27 26.50 -6.96 -13.56
C LYS A 27 26.04 -8.10 -14.47
N ALA A 28 24.82 -8.00 -15.00
CA ALA A 28 24.27 -9.02 -15.88
C ALA A 28 25.01 -9.11 -17.22
N ARG A 29 25.36 -7.98 -17.83
CA ARG A 29 26.06 -8.06 -19.11
C ARG A 29 27.45 -8.63 -18.91
N SER A 30 28.04 -8.35 -17.76
CA SER A 30 29.42 -8.74 -17.49
C SER A 30 29.47 -10.26 -17.32
N ILE A 31 28.51 -10.79 -16.58
CA ILE A 31 28.36 -12.24 -16.52
C ILE A 31 28.03 -12.79 -17.90
N LEU A 32 26.93 -12.34 -18.50
CA LEU A 32 26.53 -12.79 -19.83
C LEU A 32 27.58 -12.69 -20.95
N THR A 33 28.74 -12.07 -20.69
CA THR A 33 29.77 -11.96 -21.73
C THR A 33 31.05 -12.74 -21.38
N ALA A 40 31.71 -18.91 -14.08
CA ALA A 40 30.78 -18.93 -15.21
C ALA A 40 29.44 -19.59 -14.85
N PRO A 41 28.33 -19.05 -15.38
CA PRO A 41 27.03 -19.66 -15.08
C PRO A 41 26.87 -21.08 -15.63
N PHE A 42 26.14 -21.90 -14.88
CA PHE A 42 25.74 -23.24 -15.31
C PHE A 42 24.66 -23.17 -16.37
N VAL A 43 24.87 -23.84 -17.50
CA VAL A 43 23.91 -23.80 -18.59
C VAL A 43 22.84 -24.87 -18.45
N ILE A 44 21.60 -24.42 -18.33
CA ILE A 44 20.46 -25.34 -18.34
C ILE A 44 19.88 -25.41 -19.74
N HIS A 45 19.98 -26.56 -20.40
CA HIS A 45 19.51 -26.65 -21.77
C HIS A 45 18.68 -27.89 -22.06
N ASP A 46 18.51 -28.72 -21.05
CA ASP A 46 17.69 -29.91 -21.16
C ASP A 46 17.33 -30.46 -19.78
N ILE A 47 16.58 -31.55 -19.75
CA ILE A 47 16.09 -32.12 -18.50
C ILE A 47 17.22 -32.49 -17.55
N GLU A 48 18.26 -33.14 -18.07
CA GLU A 48 19.37 -33.55 -17.22
C GLU A 48 20.02 -32.35 -16.53
N THR A 49 20.35 -31.33 -17.31
CA THR A 49 20.99 -30.17 -16.71
C THR A 49 20.08 -29.38 -15.78
N LEU A 50 18.78 -29.34 -16.06
CA LEU A 50 17.84 -28.73 -15.13
C LEU A 50 17.90 -29.50 -13.82
N TRP A 51 18.03 -30.82 -13.92
CA TRP A 51 18.07 -31.62 -12.72
C TRP A 51 19.34 -31.34 -11.92
N GLN A 52 20.47 -31.29 -12.61
CA GLN A 52 21.75 -31.01 -11.95
C GLN A 52 21.75 -29.63 -11.30
N ALA A 53 21.10 -28.67 -11.96
CA ALA A 53 20.97 -27.30 -11.44
C ALA A 53 20.20 -27.30 -10.12
N GLU A 54 19.05 -27.99 -10.11
CA GLU A 54 18.26 -28.12 -8.91
C GLU A 54 19.05 -28.83 -7.83
N LYS A 55 19.64 -29.94 -8.23
CA LYS A 55 20.35 -30.83 -7.31
C LYS A 55 21.61 -30.17 -6.75
N VAL A 58 23.22 -25.13 -8.92
CA VAL A 58 22.69 -23.77 -9.02
C VAL A 58 21.73 -23.46 -7.89
N TRP A 59 20.86 -24.41 -7.56
CA TRP A 59 19.95 -24.28 -6.41
C TRP A 59 20.32 -25.26 -5.31
N GLY A 65 11.31 -25.97 -2.47
CA GLY A 65 10.43 -25.19 -1.64
C GLY A 65 9.29 -24.52 -2.42
N LEU A 66 8.98 -25.10 -3.57
CA LEU A 66 7.91 -24.60 -4.43
C LEU A 66 6.67 -25.49 -4.24
N PRO A 67 5.65 -25.32 -5.09
CA PRO A 67 4.52 -26.25 -5.03
C PRO A 67 4.93 -27.68 -5.45
N PRO A 68 4.17 -28.68 -4.99
CA PRO A 68 4.53 -30.09 -5.23
C PRO A 68 4.71 -30.39 -6.71
N TYR A 69 5.58 -31.34 -7.03
CA TYR A 69 6.00 -31.55 -8.41
C TYR A 69 4.86 -31.99 -9.33
N LYS A 70 4.91 -31.54 -10.58
CA LYS A 70 3.91 -31.92 -11.58
C LYS A 70 4.57 -32.50 -12.84
N GLU A 71 5.48 -31.74 -13.44
CA GLU A 71 6.16 -32.13 -14.68
C GLU A 71 7.16 -31.05 -15.05
N ILE A 72 8.02 -31.31 -16.04
CA ILE A 72 9.10 -30.38 -16.36
C ILE A 72 8.61 -28.97 -16.67
N SER A 73 7.60 -28.86 -17.53
CA SER A 73 7.15 -27.57 -18.03
C SER A 73 6.51 -26.73 -16.94
N VAL A 74 5.72 -27.39 -16.10
CA VAL A 74 5.06 -26.79 -14.96
C VAL A 74 6.08 -26.39 -13.89
N HIS A 75 7.02 -27.28 -13.61
CA HIS A 75 8.09 -26.96 -12.68
C HIS A 75 8.79 -25.68 -13.10
N VAL A 76 9.17 -25.60 -14.37
CA VAL A 76 9.84 -24.40 -14.90
C VAL A 76 8.95 -23.17 -14.77
N PHE A 77 7.65 -23.35 -15.00
CA PHE A 77 6.65 -22.30 -14.81
C PHE A 77 6.54 -21.88 -13.35
N TYR A 78 6.64 -22.84 -12.44
CA TYR A 78 6.73 -22.49 -11.03
C TYR A 78 7.94 -21.61 -10.73
N ARG A 79 9.07 -21.89 -11.39
CA ARG A 79 10.28 -21.09 -11.18
C ARG A 79 10.15 -19.66 -11.74
N CYS A 80 9.49 -19.52 -12.90
CA CYS A 80 9.20 -18.20 -13.46
C CYS A 80 8.34 -17.40 -12.51
N GLN A 81 7.32 -18.08 -11.99
CA GLN A 81 6.35 -17.51 -11.10
C GLN A 81 7.01 -17.04 -9.81
N CYS A 82 7.93 -17.83 -9.30
CA CYS A 82 8.64 -17.44 -8.08
C CYS A 82 9.54 -16.23 -8.31
N THR A 83 10.20 -16.18 -9.47
CA THR A 83 11.05 -15.05 -9.80
C THR A 83 10.24 -13.77 -10.08
N THR A 84 9.05 -13.96 -10.64
CA THR A 84 8.12 -12.89 -10.92
C THR A 84 7.64 -12.24 -9.61
N VAL A 85 7.39 -13.07 -8.59
CA VAL A 85 6.99 -12.61 -7.27
C VAL A 85 8.13 -11.91 -6.53
N GLU A 86 9.32 -12.46 -6.66
CA GLU A 86 10.52 -11.84 -6.12
C GLU A 86 10.77 -10.45 -6.74
N THR A 87 10.40 -10.28 -8.00
CA THR A 87 10.69 -9.02 -8.67
C THR A 87 9.66 -7.97 -8.30
N VAL A 88 8.41 -8.39 -8.06
CA VAL A 88 7.35 -7.53 -7.56
C VAL A 88 7.78 -6.94 -6.23
N ARG A 89 8.44 -7.78 -5.43
CA ARG A 89 8.99 -7.35 -4.15
C ARG A 89 9.99 -6.20 -4.34
N GLU A 90 10.97 -6.39 -5.20
CA GLU A 90 11.97 -5.37 -5.45
C GLU A 90 11.32 -4.11 -5.97
N LEU A 91 10.43 -4.26 -6.95
CA LEU A 91 9.77 -3.12 -7.57
C LEU A 91 8.98 -2.34 -6.53
N THR A 92 8.41 -3.05 -5.57
CA THR A 92 7.64 -2.40 -4.50
C THR A 92 8.58 -1.58 -3.61
N GLU A 93 9.74 -2.15 -3.24
CA GLU A 93 10.68 -1.39 -2.41
C GLU A 93 11.24 -0.17 -3.16
N PHE A 94 11.47 -0.35 -4.45
CA PHE A 94 12.01 0.69 -5.32
C PHE A 94 11.03 1.85 -5.42
N ALA A 95 9.75 1.54 -5.60
CA ALA A 95 8.70 2.55 -5.68
C ALA A 95 8.64 3.33 -4.38
N LYS A 96 8.59 2.61 -3.27
CA LYS A 96 8.53 3.23 -1.95
C LYS A 96 9.77 4.07 -1.63
N SER A 97 10.87 3.78 -2.31
CA SER A 97 12.08 4.58 -2.14
C SER A 97 12.02 5.86 -2.95
N ILE A 98 10.96 6.05 -3.73
CA ILE A 98 10.72 7.33 -4.41
C ILE A 98 9.73 8.20 -3.61
N PRO A 99 10.20 9.33 -3.03
CA PRO A 99 9.33 10.09 -2.12
C PRO A 99 7.97 10.49 -2.71
N SER A 100 7.91 10.83 -4.00
CA SER A 100 6.64 11.16 -4.64
C SER A 100 5.70 9.95 -4.72
N PHE A 101 6.26 8.74 -4.88
CA PHE A 101 5.41 7.56 -4.85
C PHE A 101 4.88 7.36 -3.44
N SER A 102 5.80 7.41 -2.47
CA SER A 102 5.49 7.02 -1.11
C SER A 102 4.57 8.03 -0.45
N SER A 103 4.40 9.16 -1.12
CA SER A 103 3.56 10.23 -0.62
C SER A 103 2.11 10.07 -1.06
N LEU A 104 1.87 9.27 -2.10
CA LEU A 104 0.53 8.94 -2.54
C LEU A 104 -0.17 8.16 -1.46
N PHE A 105 -1.50 8.18 -1.43
CA PHE A 105 -2.22 7.32 -0.48
C PHE A 105 -1.95 5.87 -0.82
N LEU A 106 -1.87 5.04 0.20
CA LEU A 106 -1.46 3.65 0.03
C LEU A 106 -2.29 2.91 -1.02
N ASN A 107 -3.57 3.27 -1.15
CA ASN A 107 -4.41 2.60 -2.13
C ASN A 107 -3.99 2.93 -3.56
N ASP A 108 -3.54 4.16 -3.79
CA ASP A 108 -3.06 4.52 -5.12
C ASP A 108 -1.73 3.80 -5.40
N GLN A 109 -0.92 3.62 -4.37
CA GLN A 109 0.35 2.92 -4.56
C GLN A 109 0.10 1.50 -5.06
N VAL A 110 -0.94 0.88 -4.53
CA VAL A 110 -1.32 -0.49 -4.90
C VAL A 110 -1.88 -0.53 -6.30
N THR A 111 -2.69 0.46 -6.65
CA THR A 111 -3.23 0.53 -8.00
C THR A 111 -2.10 0.69 -9.01
N LEU A 112 -1.11 1.51 -8.66
CA LEU A 112 0.06 1.72 -9.53
C LEU A 112 0.84 0.40 -9.71
N LEU A 113 1.12 -0.27 -8.60
CA LEU A 113 1.94 -1.47 -8.66
C LEU A 113 1.16 -2.57 -9.35
N LYS A 114 -0.15 -2.61 -9.11
CA LYS A 114 -0.98 -3.66 -9.69
C LYS A 114 -0.94 -3.65 -11.21
N TYR A 115 -1.14 -2.49 -11.80
CA TYR A 115 -1.17 -2.41 -13.25
C TYR A 115 0.19 -2.06 -13.87
N GLY A 116 1.20 -1.80 -13.03
CA GLY A 116 2.49 -1.37 -13.56
C GLY A 116 3.61 -2.41 -13.54
N VAL A 117 3.54 -3.39 -12.64
CA VAL A 117 4.73 -4.20 -12.34
C VAL A 117 5.13 -5.11 -13.48
N HIS A 118 4.16 -5.65 -14.20
CA HIS A 118 4.49 -6.56 -15.27
C HIS A 118 5.12 -5.80 -16.44
N GLU A 119 4.72 -4.54 -16.63
CA GLU A 119 5.34 -3.75 -17.70
C GLU A 119 6.80 -3.51 -17.28
N ALA A 120 6.99 -3.15 -16.01
CA ALA A 120 8.35 -2.91 -15.50
C ALA A 120 9.18 -4.20 -15.47
N ILE A 121 8.52 -5.29 -15.13
CA ILE A 121 9.18 -6.59 -15.04
C ILE A 121 9.72 -6.96 -16.41
N PHE A 122 8.88 -6.85 -17.42
CA PHE A 122 9.29 -7.22 -18.77
C PHE A 122 10.33 -6.26 -19.34
N ALA A 123 10.30 -5.02 -18.86
CA ALA A 123 11.32 -4.03 -19.24
C ALA A 123 12.65 -4.45 -18.63
N MET A 124 12.64 -4.68 -17.32
CA MET A 124 13.84 -5.09 -16.59
C MET A 124 14.36 -6.46 -17.01
N LEU A 125 13.46 -7.29 -17.50
CA LEU A 125 13.83 -8.64 -17.89
C LEU A 125 14.92 -8.59 -18.94
N ALA A 126 14.87 -7.59 -19.80
CA ALA A 126 15.81 -7.51 -20.92
C ALA A 126 17.26 -7.47 -20.45
N SER A 127 17.48 -6.96 -19.23
CA SER A 127 18.84 -6.82 -18.68
C SER A 127 19.54 -8.16 -18.50
N ILE A 128 18.78 -9.21 -18.18
CA ILE A 128 19.37 -10.53 -17.97
C ILE A 128 19.22 -11.46 -19.20
N VAL A 129 18.70 -10.92 -20.29
CA VAL A 129 18.45 -11.71 -21.49
C VAL A 129 19.44 -11.37 -22.60
N ASN A 130 19.94 -12.39 -23.31
CA ASN A 130 20.47 -12.15 -24.65
C ASN A 130 19.72 -13.07 -25.60
N LYS A 131 20.13 -13.09 -26.87
CA LYS A 131 19.35 -13.78 -27.86
C LYS A 131 19.35 -15.28 -27.62
N ASP A 132 20.32 -15.77 -26.82
CA ASP A 132 20.48 -17.22 -26.59
C ASP A 132 19.84 -17.79 -25.32
N GLY A 133 19.45 -16.92 -24.39
CA GLY A 133 18.93 -17.38 -23.12
C GLY A 133 18.92 -16.30 -22.06
N LEU A 134 18.61 -16.68 -20.83
CA LEU A 134 18.64 -15.70 -19.76
C LEU A 134 19.28 -16.24 -18.49
N LEU A 135 19.71 -15.33 -17.62
CA LEU A 135 20.32 -15.71 -16.35
C LEU A 135 19.26 -16.11 -15.35
N VAL A 136 19.58 -17.05 -14.47
CA VAL A 136 18.69 -17.39 -13.39
C VAL A 136 19.49 -17.59 -12.11
N ALA A 137 18.78 -17.68 -10.98
CA ALA A 137 19.39 -17.95 -9.69
C ALA A 137 20.49 -16.94 -9.39
N ASN A 138 20.19 -15.68 -9.66
CA ASN A 138 21.11 -14.60 -9.35
C ASN A 138 22.44 -14.75 -10.09
N GLY A 139 22.36 -15.13 -11.36
CA GLY A 139 23.55 -15.20 -12.20
C GLY A 139 24.41 -16.45 -12.16
N SER A 140 24.04 -17.43 -11.34
CA SER A 140 24.86 -18.64 -11.22
C SER A 140 24.42 -19.69 -12.24
N GLY A 141 23.35 -19.37 -12.96
CA GLY A 141 22.81 -20.26 -13.99
C GLY A 141 22.41 -19.48 -15.22
N PHE A 142 22.40 -20.14 -16.36
CA PHE A 142 21.95 -19.55 -17.61
C PHE A 142 21.03 -20.55 -18.31
N VAL A 143 19.78 -20.15 -18.55
CA VAL A 143 18.81 -21.04 -19.20
C VAL A 143 18.64 -20.68 -20.67
N THR A 144 18.74 -21.67 -21.55
CA THR A 144 18.73 -21.36 -22.97
C THR A 144 17.30 -21.13 -23.45
N ARG A 145 17.19 -20.30 -24.46
CA ARG A 145 15.95 -19.99 -25.13
C ARG A 145 15.38 -21.20 -25.86
N GLU A 146 16.25 -22.00 -26.47
CA GLU A 146 15.84 -23.22 -27.17
C GLU A 146 15.24 -24.25 -26.22
N PHE A 147 15.80 -24.37 -25.02
CA PHE A 147 15.20 -25.23 -24.00
C PHE A 147 13.79 -24.73 -23.64
N LEU A 148 13.63 -23.43 -23.40
CA LEU A 148 12.33 -22.92 -23.03
C LEU A 148 11.34 -23.04 -24.19
N ARG A 149 11.85 -23.01 -25.42
CA ARG A 149 11.03 -23.25 -26.59
C ARG A 149 10.52 -24.67 -26.67
N SER A 150 11.28 -25.59 -26.08
CA SER A 150 10.95 -27.03 -26.10
C SER A 150 9.86 -27.42 -25.12
N LEU A 151 9.54 -26.55 -24.17
CA LEU A 151 8.49 -26.88 -23.20
C LEU A 151 7.17 -26.99 -23.93
N ARG A 152 6.20 -27.68 -23.35
CA ARG A 152 4.96 -27.82 -24.07
C ARG A 152 4.13 -26.55 -23.93
N LYS A 153 3.22 -26.36 -24.89
CA LYS A 153 2.18 -25.36 -24.76
C LYS A 153 1.41 -25.66 -23.49
N PRO A 154 0.91 -24.62 -22.81
CA PRO A 154 1.04 -23.19 -23.13
C PRO A 154 2.26 -22.51 -22.51
N PHE A 155 3.24 -23.29 -22.07
CA PHE A 155 4.35 -22.72 -21.30
C PHE A 155 5.48 -22.23 -22.18
N SER A 156 5.56 -22.74 -23.41
CA SER A 156 6.53 -22.21 -24.36
C SER A 156 6.03 -20.89 -24.95
N ASP A 157 4.74 -20.81 -25.25
CA ASP A 157 4.15 -19.61 -25.86
C ASP A 157 4.21 -18.33 -25.02
N ILE A 158 4.21 -18.48 -23.69
CA ILE A 158 4.17 -17.33 -22.79
C ILE A 158 5.57 -16.75 -22.56
N ILE A 159 6.56 -17.52 -22.97
CA ILE A 159 7.96 -17.19 -22.74
C ILE A 159 8.64 -16.50 -23.92
N GLU A 160 8.40 -16.99 -25.14
CA GLU A 160 9.12 -16.49 -26.33
C GLU A 160 8.90 -14.99 -26.65
N PRO A 161 7.66 -14.47 -26.51
CA PRO A 161 7.44 -13.05 -26.82
C PRO A 161 8.25 -12.08 -25.96
N LYS A 162 8.49 -12.42 -24.70
CA LYS A 162 9.39 -11.63 -23.86
C LYS A 162 10.79 -11.57 -24.45
N PHE A 163 11.24 -12.65 -25.06
CA PHE A 163 12.54 -12.67 -25.74
C PHE A 163 12.57 -11.76 -26.95
N GLU A 164 11.50 -11.80 -27.75
CA GLU A 164 11.44 -10.95 -28.91
C GLU A 164 11.53 -9.48 -28.47
N PHE A 165 10.85 -9.16 -27.37
CA PHE A 165 10.90 -7.78 -26.86
C PHE A 165 12.29 -7.36 -26.38
N ALA A 166 12.95 -8.24 -25.65
CA ALA A 166 14.19 -7.92 -24.96
C ALA A 166 15.34 -7.59 -25.91
N VAL A 167 15.49 -8.37 -26.97
CA VAL A 167 16.64 -8.21 -27.84
C VAL A 167 16.55 -6.87 -28.60
N LYS A 168 15.35 -6.52 -29.04
CA LYS A 168 15.10 -5.20 -29.61
C LYS A 168 15.39 -4.11 -28.57
N PHE A 169 14.87 -4.28 -27.36
CA PHE A 169 15.05 -3.32 -26.28
C PHE A 169 16.52 -3.12 -25.93
N ASN A 170 17.25 -4.22 -25.86
CA ASN A 170 18.70 -4.19 -25.60
C ASN A 170 19.53 -3.53 -26.71
N ALA A 171 18.95 -3.44 -27.90
CA ALA A 171 19.62 -2.75 -29.00
C ALA A 171 19.69 -1.23 -28.76
N LEU A 172 18.82 -0.74 -27.87
CA LEU A 172 18.83 0.67 -27.47
C LEU A 172 19.97 0.98 -26.50
N GLU A 173 20.53 -0.05 -25.89
CA GLU A 173 21.70 0.10 -25.03
C GLU A 173 21.48 1.09 -23.88
N LEU A 174 20.32 1.01 -23.23
CA LEU A 174 20.12 1.74 -21.99
C LEU A 174 21.05 1.19 -20.91
N ASP A 175 21.59 2.08 -20.07
CA ASP A 175 22.29 1.62 -18.87
C ASP A 175 21.38 1.70 -17.63
N ASP A 176 21.93 1.42 -16.45
CA ASP A 176 21.12 1.28 -15.26
C ASP A 176 20.48 2.61 -14.86
N SER A 177 21.17 3.72 -15.15
CA SER A 177 20.66 5.04 -14.77
C SER A 177 19.53 5.48 -15.71
N ASP A 178 19.57 5.04 -16.96
CA ASP A 178 18.43 5.20 -17.86
C ASP A 178 17.25 4.36 -17.36
N LEU A 179 17.55 3.13 -16.95
CA LEU A 179 16.51 2.16 -16.63
C LEU A 179 15.71 2.58 -15.42
N ALA A 180 16.38 3.20 -14.46
CA ALA A 180 15.71 3.60 -13.23
C ALA A 180 14.60 4.62 -13.52
N LEU A 181 14.89 5.61 -14.34
CA LEU A 181 13.88 6.61 -14.72
C LEU A 181 12.77 5.99 -15.57
N PHE A 182 13.16 5.07 -16.44
CA PHE A 182 12.24 4.47 -17.40
C PHE A 182 11.22 3.62 -16.66
N ILE A 183 11.71 2.91 -15.66
CA ILE A 183 10.87 2.06 -14.84
C ILE A 183 10.13 2.88 -13.82
N ALA A 184 10.75 3.97 -13.36
CA ALA A 184 10.00 4.86 -12.47
C ALA A 184 8.80 5.45 -13.24
N ALA A 185 9.03 5.74 -14.52
CA ALA A 185 8.00 6.27 -15.42
C ALA A 185 6.87 5.29 -15.71
N ILE A 186 7.23 4.02 -15.84
CA ILE A 186 6.23 2.97 -16.03
C ILE A 186 5.32 2.85 -14.80
N ILE A 187 5.92 2.88 -13.61
CA ILE A 187 5.15 2.71 -12.40
C ILE A 187 4.23 3.91 -12.16
N LEU A 188 4.82 5.10 -12.21
CA LEU A 188 4.07 6.32 -11.93
C LEU A 188 3.32 6.80 -13.16
N CYS A 189 2.23 6.10 -13.46
CA CYS A 189 1.49 6.25 -14.70
C CYS A 189 0.06 6.66 -14.40
N GLY A 190 -0.35 7.82 -14.89
CA GLY A 190 -1.66 8.35 -14.58
C GLY A 190 -2.78 7.64 -15.31
N ASP A 191 -2.42 6.72 -16.20
CA ASP A 191 -3.40 6.03 -17.04
C ASP A 191 -4.15 4.90 -16.32
N ARG A 192 -3.57 4.40 -15.22
CA ARG A 192 -4.09 3.20 -14.55
C ARG A 192 -5.52 3.36 -14.05
N PRO A 193 -6.36 2.35 -14.34
CA PRO A 193 -7.77 2.29 -13.96
C PRO A 193 -7.99 2.31 -12.45
N GLY A 194 -8.89 3.17 -11.99
CA GLY A 194 -9.23 3.21 -10.58
C GLY A 194 -8.26 4.04 -9.74
N LEU A 195 -7.49 4.89 -10.39
CA LEU A 195 -6.66 5.85 -9.65
C LEU A 195 -7.57 6.85 -8.97
N MET A 196 -7.21 7.22 -7.75
CA MET A 196 -7.95 8.23 -7.02
C MET A 196 -7.48 9.64 -7.43
N ASN A 197 -6.18 9.88 -7.28
CA ASN A 197 -5.64 11.21 -7.55
C ASN A 197 -4.89 11.24 -8.88
N VAL A 198 -5.64 11.22 -9.98
CA VAL A 198 -5.02 11.17 -11.30
C VAL A 198 -4.12 12.39 -11.60
N PRO A 199 -4.63 13.61 -11.40
CA PRO A 199 -3.82 14.81 -11.67
C PRO A 199 -2.47 14.77 -10.95
N ARG A 200 -2.45 14.29 -9.71
CA ARG A 200 -1.18 14.17 -8.99
C ARG A 200 -0.22 13.15 -9.63
N VAL A 201 -0.76 12.01 -10.07
CA VAL A 201 0.11 10.97 -10.64
C VAL A 201 0.58 11.36 -12.03
N GLU A 202 -0.30 11.99 -12.78
CA GLU A 202 0.07 12.52 -14.08
C GLU A 202 1.20 13.52 -13.94
N ALA A 203 1.07 14.43 -12.97
CA ALA A 203 2.11 15.43 -12.69
C ALA A 203 3.46 14.76 -12.37
N ILE A 204 3.47 13.74 -11.53
CA ILE A 204 4.71 13.04 -11.23
C ILE A 204 5.28 12.36 -12.48
N GLN A 205 4.41 11.71 -13.25
CA GLN A 205 4.85 11.04 -14.48
C GLN A 205 5.48 12.04 -15.43
N ASP A 206 4.83 13.18 -15.62
CA ASP A 206 5.39 14.22 -16.48
C ASP A 206 6.80 14.59 -16.05
N THR A 207 7.00 14.80 -14.75
CA THR A 207 8.31 15.13 -14.20
C THR A 207 9.38 14.08 -14.47
N ILE A 208 9.02 12.81 -14.29
CA ILE A 208 9.96 11.73 -14.53
C ILE A 208 10.36 11.70 -16.01
N LEU A 209 9.36 11.78 -16.88
CA LEU A 209 9.58 11.87 -18.32
C LEU A 209 10.43 13.07 -18.73
N ARG A 210 10.20 14.23 -18.12
CA ARG A 210 11.06 15.37 -18.41
C ARG A 210 12.47 15.08 -17.94
N ALA A 211 12.61 14.48 -16.76
CA ALA A 211 13.92 14.12 -16.23
C ALA A 211 14.62 13.11 -17.14
N LEU A 212 13.83 12.17 -17.65
CA LEU A 212 14.35 11.14 -18.55
C LEU A 212 14.89 11.76 -19.83
N GLU A 213 14.07 12.58 -20.46
CA GLU A 213 14.45 13.33 -21.65
C GLU A 213 15.81 14.00 -21.51
N PHE A 214 16.02 14.74 -20.42
CA PHE A 214 17.29 15.43 -20.19
CA PHE A 214 17.28 15.43 -20.23
C PHE A 214 18.42 14.44 -19.95
N HIS A 215 18.16 13.44 -19.11
CA HIS A 215 19.16 12.43 -18.79
C HIS A 215 19.72 11.76 -20.03
N LEU A 216 18.85 11.42 -20.97
CA LEU A 216 19.27 10.84 -22.23
C LEU A 216 20.11 11.82 -23.07
N GLN A 217 19.72 13.08 -23.07
CA GLN A 217 20.51 14.13 -23.72
C GLN A 217 21.96 14.12 -23.25
N ALA A 218 22.16 13.96 -21.94
CA ALA A 218 23.52 13.98 -21.40
C ALA A 218 24.20 12.61 -21.52
N ASN A 219 23.46 11.53 -21.29
CA ASN A 219 24.06 10.20 -21.27
C ASN A 219 24.23 9.60 -22.66
N HIS A 220 23.29 9.87 -23.56
CA HIS A 220 23.35 9.36 -24.93
C HIS A 220 23.33 10.47 -26.00
N PRO A 221 24.34 11.36 -25.97
CA PRO A 221 24.31 12.56 -26.81
C PRO A 221 24.27 12.29 -28.32
N ASP A 222 24.57 11.07 -28.76
CA ASP A 222 24.60 10.81 -30.19
C ASP A 222 23.43 9.92 -30.63
N ALA A 223 22.58 9.57 -29.67
CA ALA A 223 21.45 8.72 -29.95
C ALA A 223 20.25 9.59 -30.27
N GLN A 224 20.02 9.80 -31.56
CA GLN A 224 18.87 10.57 -32.00
C GLN A 224 17.60 9.74 -31.94
N TYR A 225 16.52 10.38 -31.51
CA TYR A 225 15.20 9.77 -31.45
C TYR A 225 15.04 8.79 -30.27
N LEU A 226 16.04 8.75 -29.39
CA LEU A 226 16.05 7.76 -28.32
C LEU A 226 14.90 7.95 -27.34
N PHE A 227 14.55 9.20 -27.06
CA PHE A 227 13.47 9.47 -26.11
C PHE A 227 12.12 9.05 -26.69
N PRO A 228 11.79 9.53 -27.89
CA PRO A 228 10.56 9.02 -28.49
C PRO A 228 10.65 7.51 -28.75
N LYS A 229 11.86 6.98 -28.88
CA LYS A 229 11.98 5.55 -29.09
C LYS A 229 11.45 4.87 -27.84
N LEU A 230 11.93 5.31 -26.68
CA LEU A 230 11.53 4.73 -25.40
C LEU A 230 10.06 4.95 -25.03
N LEU A 231 9.45 6.02 -25.53
CA LEU A 231 8.03 6.26 -25.30
C LEU A 231 7.20 5.22 -26.06
N GLN A 232 7.63 4.90 -27.28
CA GLN A 232 7.00 3.82 -28.03
C GLN A 232 7.20 2.45 -27.35
N LYS A 233 8.34 2.25 -26.68
CA LYS A 233 8.55 1.00 -25.94
C LYS A 233 7.58 0.89 -24.77
N MET A 234 7.22 2.04 -24.18
CA MET A 234 6.25 2.02 -23.11
C MET A 234 4.88 1.64 -23.65
N ALA A 235 4.61 2.00 -24.89
CA ALA A 235 3.35 1.62 -25.51
C ALA A 235 3.38 0.14 -25.88
N ASP A 236 4.56 -0.34 -26.25
CA ASP A 236 4.73 -1.74 -26.64
C ASP A 236 4.64 -2.68 -25.45
N LEU A 237 5.26 -2.27 -24.34
CA LEU A 237 5.16 -3.00 -23.08
C LEU A 237 3.71 -3.17 -22.64
N ARG A 238 2.89 -2.15 -22.91
CA ARG A 238 1.48 -2.20 -22.55
C ARG A 238 0.77 -3.31 -23.35
N GLN A 239 1.11 -3.41 -24.63
CA GLN A 239 0.55 -4.47 -25.46
C GLN A 239 1.14 -5.84 -25.08
N LEU A 240 2.39 -5.88 -24.66
CA LEU A 240 3.04 -7.14 -24.28
C LEU A 240 2.31 -7.73 -23.10
N VAL A 241 1.93 -6.87 -22.17
CA VAL A 241 1.31 -7.28 -20.93
C VAL A 241 -0.14 -7.68 -21.16
N THR A 242 -0.85 -7.00 -22.06
CA THR A 242 -2.20 -7.41 -22.41
C THR A 242 -2.22 -8.85 -22.95
N GLU A 243 -1.23 -9.16 -23.78
CA GLU A 243 -1.09 -10.49 -24.36
C GLU A 243 -0.68 -11.53 -23.31
N HIS A 244 0.22 -11.17 -22.42
CA HIS A 244 0.60 -11.98 -21.28
C HIS A 244 -0.57 -12.34 -20.36
N ALA A 245 -1.41 -11.35 -20.03
CA ALA A 245 -2.59 -11.64 -19.20
C ALA A 245 -3.57 -12.57 -19.92
N GLN A 246 -3.68 -12.43 -21.24
CA GLN A 246 -4.58 -13.27 -22.00
C GLN A 246 -4.07 -14.73 -21.99
N MET A 247 -2.76 -14.90 -22.17
CA MET A 247 -2.15 -16.22 -22.07
C MET A 247 -2.26 -16.79 -20.66
N MET A 248 -2.25 -15.91 -19.66
CA MET A 248 -2.35 -16.35 -18.28
C MET A 248 -3.77 -16.80 -18.01
N GLN A 249 -4.72 -16.20 -18.71
CA GLN A 249 -6.12 -16.60 -18.58
C GLN A 249 -6.29 -18.00 -19.13
N ARG A 250 -5.60 -18.28 -20.24
CA ARG A 250 -5.72 -19.57 -20.87
C ARG A 250 -5.10 -20.67 -20.01
N ILE A 251 -4.05 -20.35 -19.28
CA ILE A 251 -3.36 -21.29 -18.42
C ILE A 251 -4.17 -21.60 -17.17
N LYS A 252 -4.76 -20.58 -16.59
CA LYS A 252 -5.71 -20.76 -15.49
C LYS A 252 -6.92 -21.60 -15.92
N LYS A 253 -7.26 -21.58 -17.21
CA LYS A 253 -8.48 -22.24 -17.67
C LYS A 253 -8.27 -23.67 -18.17
N THR A 254 -7.09 -23.94 -18.71
CA THR A 254 -6.84 -25.21 -19.36
C THR A 254 -5.85 -26.06 -18.57
N GLU A 255 -5.10 -25.42 -17.69
CA GLU A 255 -4.09 -26.09 -16.88
C GLU A 255 -4.49 -26.06 -15.40
N THR A 256 -5.60 -26.70 -15.08
CA THR A 256 -6.17 -26.66 -13.73
C THR A 256 -5.28 -27.21 -12.61
N GLU A 257 -4.27 -28.00 -12.95
CA GLU A 257 -3.41 -28.64 -11.94
C GLU A 257 -2.19 -27.78 -11.60
N THR A 258 -2.01 -26.71 -12.36
CA THR A 258 -0.91 -25.78 -12.11
C THR A 258 -1.33 -24.75 -11.07
N SER A 259 -0.51 -24.57 -10.04
CA SER A 259 -0.81 -23.59 -9.01
C SER A 259 -0.48 -22.19 -9.50
N LEU A 260 -1.35 -21.24 -9.21
CA LEU A 260 -1.07 -19.84 -9.52
C LEU A 260 -0.88 -19.10 -8.21
N HIS A 261 0.25 -18.44 -8.05
CA HIS A 261 0.56 -17.72 -6.82
C HIS A 261 -0.58 -16.73 -6.49
N PRO A 262 -1.03 -16.71 -5.22
CA PRO A 262 -2.12 -15.84 -4.78
C PRO A 262 -1.87 -14.36 -5.10
N LEU A 263 -0.63 -13.89 -4.96
CA LEU A 263 -0.30 -12.49 -5.24
C LEU A 263 -0.50 -12.16 -6.70
N LEU A 264 -0.14 -13.08 -7.59
CA LEU A 264 -0.34 -12.84 -9.02
C LEU A 264 -1.82 -12.95 -9.33
N GLN A 265 -2.52 -13.82 -8.62
CA GLN A 265 -3.97 -13.90 -8.69
C GLN A 265 -4.64 -12.53 -8.42
N GLU A 266 -4.23 -11.87 -7.32
CA GLU A 266 -4.81 -10.56 -6.96
C GLU A 266 -4.52 -9.52 -8.05
N ILE A 267 -3.42 -9.69 -8.78
CA ILE A 267 -3.08 -8.79 -9.88
C ILE A 267 -3.95 -9.02 -11.12
N TYR A 268 -4.20 -10.28 -11.48
CA TYR A 268 -4.97 -10.57 -12.68
C TYR A 268 -6.49 -10.43 -12.48
N LYS A 269 -6.96 -10.53 -11.24
CA LYS A 269 -8.39 -10.55 -10.95
C LYS A 269 -9.14 -9.32 -11.45
N ASP A 270 -8.41 -8.27 -11.80
CA ASP A 270 -9.01 -6.98 -12.15
C ASP A 270 -10.16 -7.09 -13.15
N ASP B 5 9.03 -12.28 23.99
CA ASP B 5 9.50 -10.98 24.46
C ASP B 5 8.45 -9.89 24.23
N LEU B 6 7.31 -10.04 24.89
CA LEU B 6 6.18 -9.15 24.63
C LEU B 6 6.37 -7.77 25.27
N LYS B 7 7.41 -7.60 26.09
CA LYS B 7 7.68 -6.29 26.66
C LYS B 7 8.31 -5.36 25.62
N ALA B 8 9.42 -5.80 25.04
CA ALA B 8 10.07 -5.03 23.98
C ALA B 8 9.08 -4.75 22.85
N PHE B 9 8.19 -5.71 22.62
CA PHE B 9 7.16 -5.58 21.61
C PHE B 9 6.22 -4.43 21.96
N SER B 10 5.67 -4.46 23.18
CA SER B 10 4.71 -3.45 23.61
C SER B 10 5.30 -2.04 23.65
N LYS B 11 6.61 -1.97 23.81
CA LYS B 11 7.30 -0.69 23.94
C LYS B 11 7.56 -0.09 22.56
N HIS B 12 7.83 -0.95 21.59
CA HIS B 12 8.02 -0.54 20.21
C HIS B 12 6.72 0.02 19.63
N ILE B 13 5.60 -0.65 19.92
CA ILE B 13 4.27 -0.17 19.51
C ILE B 13 3.88 1.16 20.17
N TYR B 14 4.20 1.32 21.45
CA TYR B 14 3.89 2.55 22.18
C TYR B 14 4.67 3.72 21.59
N ASN B 15 5.91 3.47 21.20
CA ASN B 15 6.75 4.49 20.56
C ASN B 15 6.19 4.93 19.21
N ALA B 16 5.84 3.95 18.38
CA ALA B 16 5.24 4.20 17.08
C ALA B 16 4.02 5.11 17.21
N TYR B 17 3.19 4.78 18.20
CA TYR B 17 2.01 5.55 18.58
C TYR B 17 2.35 6.99 18.98
N LEU B 18 3.32 7.13 19.88
CA LEU B 18 3.76 8.45 20.32
C LEU B 18 4.31 9.24 19.14
N LYS B 19 4.90 8.52 18.21
CA LYS B 19 5.60 9.16 17.10
C LYS B 19 4.68 9.58 15.98
N ASN B 20 3.48 9.02 15.90
CA ASN B 20 2.61 9.28 14.76
C ASN B 20 1.30 10.01 15.06
N PHE B 21 0.90 10.03 16.32
CA PHE B 21 -0.30 10.77 16.68
C PHE B 21 0.10 11.99 17.52
N ASN B 22 -0.26 13.17 17.05
CA ASN B 22 0.15 14.41 17.72
C ASN B 22 -0.60 14.59 19.03
N MET B 23 -1.91 14.40 19.00
CA MET B 23 -2.72 14.49 20.18
C MET B 23 -2.79 13.12 20.88
N THR B 24 -2.22 13.03 22.08
CA THR B 24 -2.33 11.80 22.88
C THR B 24 -3.33 12.03 24.00
N LYS B 25 -3.84 10.93 24.56
CA LYS B 25 -4.88 10.99 25.57
C LYS B 25 -4.40 11.67 26.84
N LYS B 26 -3.13 11.47 27.18
CA LYS B 26 -2.51 12.18 28.29
C LYS B 26 -2.61 13.68 28.07
N LYS B 27 -2.19 14.14 26.90
CA LYS B 27 -2.27 15.55 26.54
C LYS B 27 -3.71 16.05 26.46
N ALA B 28 -4.60 15.23 25.92
CA ALA B 28 -6.01 15.59 25.82
C ALA B 28 -6.67 15.76 27.19
N ARG B 29 -6.36 14.86 28.12
CA ARG B 29 -7.00 14.90 29.43
C ARG B 29 -6.49 16.07 30.27
N SER B 30 -5.30 16.55 29.95
CA SER B 30 -4.73 17.69 30.67
C SER B 30 -5.29 19.00 30.12
N ILE B 31 -5.97 18.93 28.98
CA ILE B 31 -6.65 20.10 28.45
C ILE B 31 -8.06 20.13 29.02
N LEU B 32 -8.72 18.98 29.08
CA LEU B 32 -10.07 18.91 29.64
C LEU B 32 -10.04 18.96 31.17
N THR B 33 -9.01 19.59 31.73
CA THR B 33 -8.86 19.66 33.18
C THR B 33 -8.29 21.00 33.65
N ALA B 40 -7.31 27.62 28.28
CA ALA B 40 -8.46 26.75 28.02
C ALA B 40 -8.81 26.75 26.55
N PRO B 41 -9.66 25.81 26.14
CA PRO B 41 -10.13 25.74 24.74
C PRO B 41 -11.39 26.57 24.55
N PHE B 42 -11.47 27.26 23.42
CA PHE B 42 -12.64 28.04 23.06
C PHE B 42 -13.83 27.12 22.82
N VAL B 43 -14.98 27.48 23.37
CA VAL B 43 -16.16 26.62 23.33
C VAL B 43 -17.07 26.94 22.14
N ILE B 44 -17.13 26.05 21.17
CA ILE B 44 -18.03 26.18 20.04
C ILE B 44 -19.37 25.52 20.37
N HIS B 45 -20.43 26.31 20.45
CA HIS B 45 -21.71 25.76 20.88
C HIS B 45 -22.91 26.28 20.08
N ASP B 46 -22.66 27.21 19.16
CA ASP B 46 -23.68 27.64 18.22
C ASP B 46 -23.07 28.23 16.96
N ILE B 47 -23.90 28.83 16.11
CA ILE B 47 -23.46 29.33 14.82
C ILE B 47 -22.49 30.49 14.99
N GLU B 48 -22.80 31.40 15.90
CA GLU B 48 -21.94 32.55 16.12
C GLU B 48 -20.56 32.12 16.59
N THR B 49 -20.49 31.24 17.58
CA THR B 49 -19.21 30.81 18.13
C THR B 49 -18.43 29.94 17.16
N LEU B 50 -19.14 29.22 16.29
CA LEU B 50 -18.49 28.48 15.23
C LEU B 50 -17.81 29.45 14.27
N TRP B 51 -18.53 30.52 13.92
CA TRP B 51 -18.00 31.55 13.06
C TRP B 51 -16.75 32.18 13.70
N GLN B 52 -16.83 32.45 15.00
CA GLN B 52 -15.72 33.06 15.72
C GLN B 52 -14.53 32.12 15.87
N ALA B 53 -14.80 30.81 15.85
CA ALA B 53 -13.73 29.84 15.95
C ALA B 53 -12.97 29.75 14.64
N GLU B 54 -13.68 29.86 13.52
CA GLU B 54 -13.08 29.73 12.20
C GLU B 54 -12.15 30.90 11.91
N LYS B 55 -12.44 32.04 12.52
CA LYS B 55 -11.66 33.24 12.28
C LYS B 55 -10.52 33.40 13.28
N GLY B 56 -10.63 32.72 14.43
CA GLY B 56 -9.71 32.93 15.52
C GLY B 56 -8.82 31.76 15.91
N LEU B 57 -9.14 30.58 15.40
CA LEU B 57 -8.40 29.35 15.69
C LEU B 57 -7.39 29.02 14.59
N LEU B 66 -11.56 22.96 1.97
CA LEU B 66 -12.97 22.74 2.24
C LEU B 66 -13.88 23.49 1.27
N PRO B 67 -14.91 22.80 0.76
CA PRO B 67 -15.97 23.36 -0.10
C PRO B 67 -16.69 24.54 0.54
N PRO B 68 -17.44 25.32 -0.27
CA PRO B 68 -18.09 26.57 0.12
C PRO B 68 -19.21 26.37 1.14
N TYR B 69 -19.26 27.22 2.18
CA TYR B 69 -20.25 27.06 3.23
C TYR B 69 -21.65 26.99 2.65
N LYS B 70 -22.07 25.76 2.36
CA LYS B 70 -23.43 25.46 1.97
C LYS B 70 -24.36 25.71 3.14
N GLU B 71 -23.95 25.26 4.32
CA GLU B 71 -24.73 25.41 5.56
C GLU B 71 -23.96 24.85 6.73
N ILE B 72 -24.33 25.23 7.95
CA ILE B 72 -23.53 24.85 9.10
C ILE B 72 -23.51 23.34 9.37
N SER B 73 -24.60 22.66 9.03
CA SER B 73 -24.65 21.21 9.23
C SER B 73 -23.67 20.51 8.29
N VAL B 74 -23.59 20.98 7.06
CA VAL B 74 -22.70 20.41 6.05
C VAL B 74 -21.25 20.85 6.27
N HIS B 75 -21.07 22.08 6.73
CA HIS B 75 -19.75 22.60 7.05
C HIS B 75 -19.09 21.80 8.17
N VAL B 76 -19.87 21.48 9.19
CA VAL B 76 -19.40 20.69 10.31
C VAL B 76 -18.98 19.31 9.81
N PHE B 77 -19.87 18.69 9.02
CA PHE B 77 -19.59 17.39 8.41
C PHE B 77 -18.27 17.43 7.64
N TYR B 78 -18.06 18.45 6.81
CA TYR B 78 -16.79 18.61 6.09
C TYR B 78 -15.60 18.66 7.02
N ARG B 79 -15.78 19.32 8.16
CA ARG B 79 -14.73 19.33 9.17
C ARG B 79 -14.57 17.93 9.81
N CYS B 80 -15.63 17.14 9.85
CA CYS B 80 -15.49 15.77 10.38
C CYS B 80 -14.78 14.88 9.36
N GLN B 81 -15.06 15.16 8.09
CA GLN B 81 -14.49 14.46 6.95
C GLN B 81 -12.99 14.74 6.88
N CYS B 82 -12.61 15.99 7.06
CA CYS B 82 -11.21 16.36 7.01
C CYS B 82 -10.39 15.76 8.18
N THR B 83 -10.91 15.84 9.40
CA THR B 83 -10.23 15.29 10.57
C THR B 83 -10.13 13.75 10.50
N THR B 84 -11.16 13.12 9.96
CA THR B 84 -11.15 11.68 9.73
C THR B 84 -10.02 11.28 8.75
N VAL B 85 -9.95 11.97 7.61
CA VAL B 85 -8.94 11.70 6.61
C VAL B 85 -7.51 11.92 7.12
N GLU B 86 -7.34 12.92 7.98
CA GLU B 86 -6.04 13.15 8.61
C GLU B 86 -5.69 12.06 9.61
N THR B 87 -6.69 11.49 10.28
CA THR B 87 -6.43 10.43 11.24
C THR B 87 -6.09 9.13 10.50
N VAL B 88 -6.70 8.94 9.33
CA VAL B 88 -6.39 7.80 8.49
C VAL B 88 -4.92 7.87 8.13
N ARG B 89 -4.44 9.10 7.97
CA ARG B 89 -3.06 9.37 7.57
C ARG B 89 -2.08 9.00 8.66
N GLU B 90 -2.42 9.37 9.88
CA GLU B 90 -1.63 9.00 11.04
C GLU B 90 -1.65 7.49 11.29
N LEU B 91 -2.82 6.87 11.13
CA LEU B 91 -2.96 5.43 11.36
C LEU B 91 -2.15 4.63 10.34
N THR B 92 -2.09 5.12 9.11
CA THR B 92 -1.29 4.47 8.07
C THR B 92 0.20 4.48 8.46
N GLU B 93 0.71 5.62 8.91
CA GLU B 93 2.12 5.69 9.30
C GLU B 93 2.41 4.98 10.61
N PHE B 94 1.39 4.83 11.44
CA PHE B 94 1.50 4.06 12.68
C PHE B 94 1.64 2.58 12.37
N ALA B 95 0.75 2.09 11.51
CA ALA B 95 0.78 0.70 11.06
C ALA B 95 2.09 0.35 10.37
N LYS B 96 2.52 1.18 9.42
CA LYS B 96 3.81 0.97 8.75
C LYS B 96 4.94 0.92 9.77
N SER B 97 4.75 1.59 10.89
CA SER B 97 5.77 1.66 11.93
C SER B 97 5.80 0.40 12.79
N ILE B 98 5.02 -0.60 12.41
CA ILE B 98 5.07 -1.93 13.01
C ILE B 98 5.67 -2.92 12.01
N PRO B 99 6.94 -3.33 12.22
CA PRO B 99 7.70 -4.16 11.28
C PRO B 99 6.92 -5.34 10.69
N SER B 100 6.07 -6.00 11.46
CA SER B 100 5.30 -7.13 10.94
C SER B 100 4.24 -6.68 9.94
N PHE B 101 3.60 -5.55 10.21
CA PHE B 101 2.67 -4.96 9.25
C PHE B 101 3.38 -4.62 7.93
N SER B 102 4.55 -3.99 8.02
CA SER B 102 5.30 -3.55 6.84
C SER B 102 5.85 -4.68 5.96
N SER B 103 6.01 -5.87 6.52
CA SER B 103 6.49 -6.97 5.68
C SER B 103 5.33 -7.73 5.04
N LEU B 104 4.10 -7.41 5.44
CA LEU B 104 2.94 -7.84 4.68
C LEU B 104 3.01 -7.27 3.26
N PHE B 105 2.38 -7.93 2.31
CA PHE B 105 2.35 -7.36 0.98
C PHE B 105 1.47 -6.11 1.03
N LEU B 106 1.75 -5.17 0.15
CA LEU B 106 1.10 -3.86 0.15
C LEU B 106 -0.41 -3.96 0.02
N ASN B 107 -0.89 -4.88 -0.80
CA ASN B 107 -2.34 -5.05 -0.95
C ASN B 107 -2.98 -5.48 0.37
N ASP B 108 -2.33 -6.37 1.10
CA ASP B 108 -2.85 -6.77 2.40
C ASP B 108 -2.78 -5.59 3.36
N GLN B 109 -1.74 -4.77 3.25
CA GLN B 109 -1.65 -3.57 4.08
C GLN B 109 -2.86 -2.68 3.84
N VAL B 110 -3.25 -2.53 2.57
CA VAL B 110 -4.37 -1.66 2.23
C VAL B 110 -5.69 -2.28 2.70
N THR B 111 -5.80 -3.60 2.64
CA THR B 111 -7.05 -4.22 3.04
C THR B 111 -7.27 -4.06 4.54
N LEU B 112 -6.20 -4.15 5.31
CA LEU B 112 -6.30 -3.96 6.75
C LEU B 112 -6.69 -2.52 7.11
N LEU B 113 -6.04 -1.54 6.51
CA LEU B 113 -6.38 -0.15 6.79
C LEU B 113 -7.84 0.13 6.40
N LYS B 114 -8.21 -0.29 5.19
CA LYS B 114 -9.56 -0.10 4.66
C LYS B 114 -10.63 -0.50 5.67
N TYR B 115 -10.55 -1.72 6.16
CA TYR B 115 -11.56 -2.22 7.07
C TYR B 115 -11.22 -1.97 8.54
N GLY B 116 -10.06 -1.41 8.82
CA GLY B 116 -9.68 -1.19 10.20
C GLY B 116 -9.75 0.25 10.70
N VAL B 117 -9.58 1.24 9.83
CA VAL B 117 -9.34 2.59 10.34
C VAL B 117 -10.53 3.19 11.07
N HIS B 118 -11.74 2.95 10.58
CA HIS B 118 -12.87 3.58 11.25
C HIS B 118 -13.06 3.01 12.64
N GLU B 119 -12.77 1.72 12.82
CA GLU B 119 -12.81 1.12 14.15
C GLU B 119 -11.70 1.73 15.01
N ALA B 120 -10.52 1.89 14.45
CA ALA B 120 -9.42 2.49 15.22
C ALA B 120 -9.70 3.96 15.54
N ILE B 121 -10.34 4.65 14.60
CA ILE B 121 -10.65 6.06 14.77
C ILE B 121 -11.66 6.27 15.88
N PHE B 122 -12.77 5.53 15.83
CA PHE B 122 -13.81 5.65 16.85
C PHE B 122 -13.34 5.23 18.25
N ALA B 123 -12.26 4.45 18.33
CA ALA B 123 -11.70 4.11 19.65
C ALA B 123 -10.85 5.25 20.21
N MET B 124 -10.04 5.85 19.35
CA MET B 124 -9.15 6.96 19.71
C MET B 124 -9.93 8.24 19.99
N LEU B 125 -11.04 8.43 19.28
CA LEU B 125 -11.96 9.54 19.47
C LEU B 125 -12.33 9.71 20.94
N ALA B 126 -12.43 8.59 21.65
CA ALA B 126 -12.78 8.62 23.08
C ALA B 126 -11.77 9.43 23.87
N SER B 127 -10.50 9.35 23.46
CA SER B 127 -9.43 10.12 24.11
C SER B 127 -9.64 11.65 24.18
N ILE B 128 -10.36 12.22 23.21
CA ILE B 128 -10.53 13.67 23.16
C ILE B 128 -11.96 14.12 23.48
N VAL B 129 -12.74 13.18 23.98
CA VAL B 129 -14.15 13.39 24.20
C VAL B 129 -14.47 13.30 25.68
N ASN B 130 -15.49 14.04 26.10
CA ASN B 130 -16.12 13.78 27.39
C ASN B 130 -17.63 13.83 27.20
N LYS B 131 -18.36 13.79 28.30
CA LYS B 131 -19.82 13.75 28.23
C LYS B 131 -20.43 14.95 27.51
N ASP B 132 -19.71 16.08 27.53
CA ASP B 132 -20.26 17.35 27.02
C ASP B 132 -19.74 17.81 25.67
N GLY B 133 -18.78 17.09 25.09
CA GLY B 133 -18.23 17.47 23.79
C GLY B 133 -16.82 16.93 23.53
N LEU B 134 -16.13 17.50 22.55
CA LEU B 134 -14.79 17.03 22.25
C LEU B 134 -13.85 18.13 21.75
N LEU B 135 -12.56 17.89 21.90
CA LEU B 135 -11.53 18.80 21.44
C LEU B 135 -11.42 18.79 19.94
N VAL B 136 -11.22 19.97 19.35
CA VAL B 136 -10.94 20.11 17.94
C VAL B 136 -9.74 21.05 17.78
N ALA B 137 -9.23 21.16 16.56
CA ALA B 137 -8.10 22.05 16.26
C ALA B 137 -6.93 21.87 17.23
N ASN B 138 -6.43 20.65 17.33
CA ASN B 138 -5.28 20.33 18.16
C ASN B 138 -5.38 20.87 19.60
N GLY B 139 -6.57 20.78 20.18
CA GLY B 139 -6.81 21.21 21.54
C GLY B 139 -7.19 22.68 21.73
N SER B 140 -7.34 23.41 20.63
CA SER B 140 -7.66 24.85 20.68
C SER B 140 -9.14 25.16 20.89
N GLY B 141 -10.00 24.27 20.42
CA GLY B 141 -11.42 24.45 20.55
C GLY B 141 -12.09 23.28 21.25
N PHE B 142 -13.35 23.47 21.58
CA PHE B 142 -14.13 22.43 22.23
C PHE B 142 -15.56 22.55 21.76
N VAL B 143 -16.03 21.57 21.01
CA VAL B 143 -17.38 21.62 20.48
C VAL B 143 -18.34 20.81 21.35
N THR B 144 -19.40 21.44 21.82
CA THR B 144 -20.31 20.74 22.72
C THR B 144 -21.10 19.68 21.97
N ARG B 145 -21.50 18.64 22.70
CA ARG B 145 -22.32 17.55 22.18
C ARG B 145 -23.73 18.07 21.90
N GLU B 146 -24.17 19.06 22.67
CA GLU B 146 -25.50 19.64 22.50
C GLU B 146 -25.64 20.32 21.14
N PHE B 147 -24.58 21.00 20.75
CA PHE B 147 -24.51 21.64 19.46
C PHE B 147 -24.57 20.63 18.31
N LEU B 148 -23.71 19.62 18.33
CA LEU B 148 -23.74 18.60 17.27
C LEU B 148 -25.10 17.90 17.23
N ARG B 149 -25.67 17.64 18.41
CA ARG B 149 -27.01 17.05 18.50
C ARG B 149 -28.04 17.92 17.79
N SER B 150 -27.78 19.23 17.74
CA SER B 150 -28.74 20.19 17.24
C SER B 150 -28.70 20.31 15.72
N LEU B 151 -27.69 19.71 15.10
CA LEU B 151 -27.57 19.83 13.66
C LEU B 151 -28.74 19.17 12.93
N ARG B 152 -28.97 19.60 11.70
CA ARG B 152 -30.03 19.05 10.88
C ARG B 152 -29.74 17.57 10.57
N LYS B 153 -30.79 16.76 10.43
CA LYS B 153 -30.58 15.36 10.06
C LYS B 153 -30.21 15.32 8.58
N PRO B 154 -29.42 14.32 8.16
CA PRO B 154 -28.95 13.13 8.89
C PRO B 154 -27.62 13.35 9.63
N PHE B 155 -27.15 14.59 9.71
CA PHE B 155 -25.81 14.83 10.22
C PHE B 155 -25.70 14.70 11.75
N SER B 156 -26.77 15.06 12.46
CA SER B 156 -26.80 14.90 13.90
C SER B 156 -26.72 13.42 14.28
N ASP B 157 -27.45 12.58 13.56
CA ASP B 157 -27.57 11.17 13.87
C ASP B 157 -26.24 10.41 13.78
N ILE B 158 -25.38 10.83 12.86
CA ILE B 158 -24.10 10.16 12.63
C ILE B 158 -23.09 10.50 13.74
N ILE B 159 -23.43 11.49 14.56
CA ILE B 159 -22.56 11.97 15.61
C ILE B 159 -22.74 11.27 16.97
N GLU B 160 -23.97 11.26 17.47
CA GLU B 160 -24.26 10.89 18.86
C GLU B 160 -23.93 9.42 19.29
N PRO B 161 -24.00 8.46 18.35
CA PRO B 161 -23.60 7.09 18.69
C PRO B 161 -22.14 6.93 19.10
N LYS B 162 -21.27 7.75 18.52
CA LYS B 162 -19.85 7.80 18.87
C LYS B 162 -19.60 8.33 20.29
N PHE B 163 -20.36 9.34 20.68
CA PHE B 163 -20.28 9.82 22.05
C PHE B 163 -20.69 8.72 23.03
N GLU B 164 -21.70 7.95 22.64
CA GLU B 164 -22.22 6.90 23.51
C GLU B 164 -21.12 5.87 23.77
N PHE B 165 -20.50 5.38 22.71
CA PHE B 165 -19.42 4.42 22.84
C PHE B 165 -18.26 5.02 23.63
N ALA B 166 -17.87 6.23 23.26
CA ALA B 166 -16.69 6.88 23.83
C ALA B 166 -16.75 7.03 25.33
N VAL B 167 -17.90 7.47 25.84
CA VAL B 167 -18.05 7.71 27.27
C VAL B 167 -17.96 6.41 28.07
N LYS B 168 -18.58 5.34 27.56
CA LYS B 168 -18.43 4.00 28.12
C LYS B 168 -16.98 3.52 28.04
N PHE B 169 -16.37 3.71 26.88
CA PHE B 169 -15.00 3.31 26.64
C PHE B 169 -14.05 4.00 27.63
N ASN B 170 -14.25 5.30 27.82
CA ASN B 170 -13.36 6.10 28.66
C ASN B 170 -13.38 5.67 30.10
N ALA B 171 -14.39 4.88 30.46
CA ALA B 171 -14.58 4.42 31.83
C ALA B 171 -13.68 3.22 32.16
N LEU B 172 -13.08 2.64 31.13
CA LEU B 172 -12.11 1.56 31.35
C LEU B 172 -10.74 2.14 31.70
N GLU B 173 -10.58 3.44 31.46
CA GLU B 173 -9.40 4.20 31.85
C GLU B 173 -8.08 3.67 31.30
N LEU B 174 -7.98 3.51 30.00
CA LEU B 174 -6.72 3.16 29.38
C LEU B 174 -5.81 4.38 29.31
N ASP B 175 -4.50 4.15 29.41
CA ASP B 175 -3.54 5.21 29.14
C ASP B 175 -3.01 4.96 27.73
N ASP B 176 -2.18 5.86 27.22
CA ASP B 176 -1.76 5.75 25.82
C ASP B 176 -1.00 4.43 25.58
N SER B 177 -0.32 3.95 26.61
CA SER B 177 0.32 2.63 26.62
C SER B 177 -0.60 1.52 26.14
N ASP B 178 -1.78 1.46 26.74
CA ASP B 178 -2.77 0.44 26.41
C ASP B 178 -3.30 0.65 24.98
N LEU B 179 -3.71 1.88 24.70
CA LEU B 179 -4.33 2.23 23.41
C LEU B 179 -3.49 1.84 22.20
N ALA B 180 -2.19 2.10 22.29
CA ALA B 180 -1.27 1.73 21.22
C ALA B 180 -1.45 0.28 20.83
N LEU B 181 -1.47 -0.62 21.83
CA LEU B 181 -1.61 -2.06 21.53
C LEU B 181 -3.02 -2.36 21.05
N PHE B 182 -4.00 -1.70 21.67
CA PHE B 182 -5.40 -1.94 21.36
C PHE B 182 -5.72 -1.54 19.92
N ILE B 183 -5.17 -0.40 19.51
CA ILE B 183 -5.32 0.06 18.13
C ILE B 183 -4.55 -0.86 17.16
N ALA B 184 -3.38 -1.30 17.58
CA ALA B 184 -2.59 -2.18 16.72
C ALA B 184 -3.36 -3.48 16.49
N ALA B 185 -4.01 -3.97 17.54
CA ALA B 185 -4.83 -5.19 17.46
C ALA B 185 -6.06 -5.00 16.58
N ILE B 186 -6.66 -3.83 16.61
CA ILE B 186 -7.76 -3.52 15.70
C ILE B 186 -7.30 -3.59 14.25
N ILE B 187 -6.13 -3.03 13.96
CA ILE B 187 -5.64 -2.94 12.60
C ILE B 187 -5.21 -4.32 12.09
N LEU B 188 -4.42 -5.02 12.89
CA LEU B 188 -3.91 -6.34 12.51
C LEU B 188 -4.94 -7.43 12.78
N CYS B 189 -5.95 -7.51 11.92
CA CYS B 189 -7.13 -8.33 12.16
C CYS B 189 -7.32 -9.29 11.01
N GLY B 190 -7.31 -10.59 11.30
CA GLY B 190 -7.30 -11.58 10.25
C GLY B 190 -8.65 -11.88 9.61
N ASP B 191 -9.71 -11.24 10.10
CA ASP B 191 -11.07 -11.46 9.62
C ASP B 191 -11.46 -10.60 8.43
N ARG B 192 -10.62 -9.64 8.06
CA ARG B 192 -10.99 -8.63 7.06
C ARG B 192 -11.24 -9.26 5.70
N PRO B 193 -12.29 -8.81 5.00
CA PRO B 193 -12.65 -9.36 3.69
C PRO B 193 -11.56 -9.14 2.65
N GLY B 194 -11.18 -10.21 1.96
CA GLY B 194 -10.26 -10.11 0.84
C GLY B 194 -8.80 -10.22 1.20
N LEU B 195 -8.51 -10.47 2.48
CA LEU B 195 -7.13 -10.66 2.91
C LEU B 195 -6.50 -11.80 2.12
N MET B 196 -5.22 -11.65 1.83
CA MET B 196 -4.52 -12.63 1.02
C MET B 196 -3.87 -13.67 1.94
N ASN B 197 -3.02 -13.19 2.85
CA ASN B 197 -2.32 -14.06 3.78
C ASN B 197 -2.99 -14.04 5.14
N VAL B 198 -4.15 -14.70 5.24
CA VAL B 198 -4.93 -14.71 6.47
C VAL B 198 -4.18 -15.28 7.66
N PRO B 199 -3.48 -16.41 7.47
CA PRO B 199 -2.75 -17.03 8.60
C PRO B 199 -1.60 -16.16 9.13
N ARG B 200 -0.92 -15.41 8.28
CA ARG B 200 0.11 -14.48 8.74
C ARG B 200 -0.46 -13.30 9.56
N VAL B 201 -1.55 -12.70 9.09
CA VAL B 201 -2.14 -11.61 9.83
C VAL B 201 -2.74 -12.14 11.15
N GLU B 202 -3.36 -13.31 11.12
CA GLU B 202 -3.85 -13.91 12.35
C GLU B 202 -2.74 -14.12 13.38
N ALA B 203 -1.58 -14.60 12.94
CA ALA B 203 -0.45 -14.80 13.85
C ALA B 203 0.04 -13.48 14.45
N ILE B 204 0.10 -12.43 13.63
CA ILE B 204 0.46 -11.10 14.12
C ILE B 204 -0.56 -10.62 15.16
N GLN B 205 -1.85 -10.78 14.86
CA GLN B 205 -2.89 -10.36 15.80
C GLN B 205 -2.75 -11.12 17.12
N ASP B 206 -2.63 -12.45 17.06
CA ASP B 206 -2.42 -13.22 18.27
C ASP B 206 -1.28 -12.64 19.12
N THR B 207 -0.15 -12.39 18.47
CA THR B 207 0.99 -11.84 19.19
C THR B 207 0.70 -10.51 19.86
N ILE B 208 -0.17 -9.69 19.24
CA ILE B 208 -0.50 -8.36 19.78
C ILE B 208 -1.47 -8.48 20.96
N LEU B 209 -2.45 -9.37 20.84
CA LEU B 209 -3.37 -9.62 21.95
C LEU B 209 -2.64 -10.22 23.16
N ARG B 210 -1.66 -11.08 22.92
CA ARG B 210 -0.86 -11.63 24.00
C ARG B 210 -0.03 -10.53 24.69
N ALA B 211 0.51 -9.61 23.90
CA ALA B 211 1.25 -8.47 24.43
C ALA B 211 0.28 -7.57 25.20
N LEU B 212 -0.91 -7.40 24.64
CA LEU B 212 -1.95 -6.59 25.26
C LEU B 212 -2.28 -7.09 26.65
N GLU B 213 -2.44 -8.40 26.80
CA GLU B 213 -2.80 -8.95 28.10
C GLU B 213 -1.64 -8.81 29.08
N PHE B 214 -0.43 -9.09 28.59
CA PHE B 214 0.80 -8.94 29.36
C PHE B 214 0.98 -7.49 29.85
N HIS B 215 0.78 -6.52 28.96
CA HIS B 215 0.93 -5.12 29.35
C HIS B 215 -0.17 -4.73 30.35
N LEU B 216 -1.39 -5.20 30.12
CA LEU B 216 -2.52 -4.91 31.00
C LEU B 216 -2.30 -5.45 32.39
N GLN B 217 -1.59 -6.57 32.50
CA GLN B 217 -1.32 -7.15 33.82
C GLN B 217 -0.44 -6.23 34.64
N ALA B 218 0.61 -5.70 34.00
CA ALA B 218 1.51 -4.77 34.67
C ALA B 218 0.87 -3.38 34.89
N ASN B 219 0.21 -2.85 33.88
CA ASN B 219 -0.31 -1.49 33.95
C ASN B 219 -1.61 -1.34 34.74
N HIS B 220 -2.37 -2.42 34.83
CA HIS B 220 -3.65 -2.40 35.55
C HIS B 220 -3.82 -3.61 36.47
N PRO B 221 -2.87 -3.82 37.41
CA PRO B 221 -2.86 -4.97 38.30
C PRO B 221 -4.22 -5.31 38.93
N ASP B 222 -4.94 -4.28 39.36
CA ASP B 222 -6.15 -4.47 40.15
C ASP B 222 -7.45 -4.48 39.34
N ALA B 223 -7.35 -4.25 38.04
CA ALA B 223 -8.53 -4.26 37.18
C ALA B 223 -8.91 -5.69 36.77
N GLN B 224 -10.04 -6.17 37.27
CA GLN B 224 -10.53 -7.50 36.91
C GLN B 224 -11.34 -7.48 35.63
N TYR B 225 -10.96 -8.35 34.69
CA TYR B 225 -11.71 -8.57 33.45
C TYR B 225 -11.46 -7.53 32.35
N LEU B 226 -10.47 -6.66 32.52
CA LEU B 226 -10.29 -5.57 31.55
C LEU B 226 -9.97 -6.13 30.15
N PHE B 227 -9.16 -7.19 30.09
CA PHE B 227 -8.79 -7.77 28.79
C PHE B 227 -10.00 -8.31 28.03
N PRO B 228 -10.80 -9.16 28.68
CA PRO B 228 -12.02 -9.62 28.02
C PRO B 228 -12.96 -8.47 27.73
N LYS B 229 -12.99 -7.50 28.62
CA LYS B 229 -13.77 -6.30 28.40
C LYS B 229 -13.35 -5.67 27.09
N LEU B 230 -12.03 -5.55 26.91
CA LEU B 230 -11.45 -4.95 25.70
C LEU B 230 -11.70 -5.74 24.42
N LEU B 231 -11.76 -7.07 24.53
CA LEU B 231 -12.05 -7.87 23.35
C LEU B 231 -13.50 -7.62 22.90
N GLN B 232 -14.39 -7.50 23.88
CA GLN B 232 -15.78 -7.18 23.60
C GLN B 232 -15.93 -5.79 22.96
N LYS B 233 -15.06 -4.84 23.32
CA LYS B 233 -15.10 -3.50 22.73
C LYS B 233 -14.65 -3.59 21.28
N MET B 234 -13.81 -4.56 20.96
CA MET B 234 -13.40 -4.72 19.58
C MET B 234 -14.60 -5.16 18.76
N ALA B 235 -15.40 -6.07 19.31
CA ALA B 235 -16.64 -6.48 18.65
C ALA B 235 -17.64 -5.33 18.55
N ASP B 236 -17.74 -4.52 19.60
CA ASP B 236 -18.70 -3.42 19.66
C ASP B 236 -18.41 -2.40 18.56
N LEU B 237 -17.13 -2.07 18.43
CA LEU B 237 -16.65 -1.16 17.40
C LEU B 237 -16.96 -1.69 16.01
N ARG B 238 -17.01 -3.00 15.86
CA ARG B 238 -17.29 -3.57 14.55
C ARG B 238 -18.71 -3.22 14.17
N GLN B 239 -19.62 -3.44 15.11
CA GLN B 239 -21.01 -3.07 14.96
C GLN B 239 -21.17 -1.55 14.80
N LEU B 240 -20.35 -0.77 15.52
CA LEU B 240 -20.43 0.70 15.44
C LEU B 240 -20.14 1.16 14.01
N VAL B 241 -19.10 0.59 13.42
CA VAL B 241 -18.71 0.96 12.06
C VAL B 241 -19.71 0.52 10.99
N THR B 242 -20.29 -0.66 11.14
CA THR B 242 -21.36 -1.11 10.24
C THR B 242 -22.51 -0.11 10.22
N GLU B 243 -22.91 0.33 11.40
CA GLU B 243 -23.96 1.33 11.55
C GLU B 243 -23.54 2.67 10.91
N HIS B 244 -22.29 3.06 11.14
CA HIS B 244 -21.77 4.29 10.55
C HIS B 244 -21.81 4.25 9.04
N ALA B 245 -21.35 3.15 8.46
CA ALA B 245 -21.27 3.01 7.00
C ALA B 245 -22.66 2.97 6.37
N GLN B 246 -23.63 2.43 7.10
CA GLN B 246 -25.01 2.50 6.63
C GLN B 246 -25.47 3.97 6.56
N MET B 247 -25.22 4.74 7.62
CA MET B 247 -25.59 6.16 7.66
C MET B 247 -24.91 6.95 6.55
N MET B 248 -23.67 6.59 6.25
CA MET B 248 -22.89 7.29 5.25
C MET B 248 -23.40 7.00 3.86
N GLN B 249 -24.03 5.85 3.69
CA GLN B 249 -24.60 5.50 2.41
C GLN B 249 -25.92 6.23 2.23
N ARG B 250 -26.66 6.35 3.33
CA ARG B 250 -27.90 7.08 3.31
C ARG B 250 -27.63 8.57 3.06
N ILE B 251 -26.47 9.06 3.49
CA ILE B 251 -26.10 10.45 3.23
C ILE B 251 -25.78 10.63 1.74
N LYS B 252 -25.09 9.66 1.15
CA LYS B 252 -24.72 9.73 -0.26
C LYS B 252 -25.93 9.68 -1.20
N LYS B 253 -27.00 9.01 -0.77
CA LYS B 253 -28.20 8.89 -1.58
C LYS B 253 -29.17 10.03 -1.36
N THR B 254 -29.05 10.70 -0.22
CA THR B 254 -30.09 11.61 0.20
C THR B 254 -29.58 13.07 0.17
N GLU B 255 -28.30 13.25 0.44
CA GLU B 255 -27.69 14.57 0.45
C GLU B 255 -26.80 14.79 -0.79
N THR B 256 -27.44 14.88 -1.95
CA THR B 256 -26.72 14.88 -3.22
C THR B 256 -25.77 16.05 -3.44
N GLU B 257 -26.03 17.18 -2.78
CA GLU B 257 -25.17 18.36 -2.96
C GLU B 257 -23.97 18.36 -2.02
N THR B 258 -23.88 17.36 -1.15
CA THR B 258 -22.77 17.25 -0.21
C THR B 258 -21.61 16.46 -0.82
N SER B 259 -20.40 16.98 -0.65
CA SER B 259 -19.21 16.36 -1.20
C SER B 259 -18.64 15.29 -0.27
N LEU B 260 -18.28 14.15 -0.85
CA LEU B 260 -17.71 13.08 -0.06
C LEU B 260 -16.27 12.84 -0.48
N HIS B 261 -15.34 12.92 0.47
CA HIS B 261 -13.93 12.76 0.16
C HIS B 261 -13.64 11.44 -0.55
N PRO B 262 -12.88 11.51 -1.66
CA PRO B 262 -12.59 10.37 -2.51
C PRO B 262 -12.01 9.19 -1.72
N LEU B 263 -11.07 9.45 -0.82
CA LEU B 263 -10.46 8.40 0.00
C LEU B 263 -11.48 7.69 0.87
N LEU B 264 -12.42 8.45 1.43
CA LEU B 264 -13.48 7.84 2.24
C LEU B 264 -14.43 7.07 1.34
N GLN B 265 -14.61 7.55 0.11
CA GLN B 265 -15.46 6.83 -0.83
C GLN B 265 -14.90 5.44 -1.16
N GLU B 266 -13.57 5.30 -1.20
CA GLU B 266 -12.95 4.01 -1.49
C GLU B 266 -13.19 3.04 -0.35
N ILE B 267 -13.04 3.53 0.88
CA ILE B 267 -13.20 2.70 2.08
C ILE B 267 -14.63 2.19 2.18
N TYR B 268 -15.59 2.98 1.71
CA TYR B 268 -17.01 2.62 1.83
C TYR B 268 -17.47 1.74 0.66
#